data_7NK3
#
_entry.id   7NK3
#
_cell.length_a   82.712
_cell.length_b   112.424
_cell.length_c   62.726
_cell.angle_alpha   90.000
_cell.angle_beta   90.000
_cell.angle_gamma   90.000
#
_symmetry.space_group_name_H-M   'C 2 2 21'
#
loop_
_entity.id
_entity.type
_entity.pdbx_description
1 polymer '14-3-3 protein sigma'
2 polymer 'Transcription factor p65'
3 non-polymer 2-(4-methylphenyl)sulfonyl-3,4-dihydro-1~{H}-isoquinoline
4 non-polymer 'CHLORIDE ION'
5 non-polymer 'CALCIUM ION'
6 non-polymer GLYCEROL
7 water water
#
loop_
_entity_poly.entity_id
_entity_poly.type
_entity_poly.pdbx_seq_one_letter_code
_entity_poly.pdbx_strand_id
1 'polypeptide(L)'
;GAMGSMERASLIQKAKLAEQAERYEDMAAFMKGAVEKGEELS(CSO)EERNLLSVAYKNVVGGQRAAWRVLSSIEQKSNE
EGSEEKGPEVREYREKVETELQGVCDTVLGLLDSHLIKEAGDAESRVFYLKMKGDYYRYLAEVATGDDKKRIIDSARSAY
QEAMDISKKEMPPTNPIRLGLALNFSVFHYEIANSPEEAISLAKTTFDEAMADLHTLSEDSYKDSTLIMQLLRDNLTLWT
ADNAGEEGGEAPQEPQS
;
A
2 'polypeptide(L)' EGRSAG(SEP)IPGRRS P
#
loop_
_chem_comp.id
_chem_comp.type
_chem_comp.name
_chem_comp.formula
CA non-polymer 'CALCIUM ION' 'Ca 2'
CL non-polymer 'CHLORIDE ION' 'Cl -1'
GOL non-polymer GLYCEROL 'C3 H8 O3'
UGQ non-polymer 2-(4-methylphenyl)sulfonyl-3,4-dihydro-1~{H}-isoquinoline 'C16 H17 N O2 S'
#
# COMPACT_ATOMS: atom_id res chain seq x y z
N MET A 3 8.69 0.14 22.28
CA MET A 3 8.77 -1.30 22.57
C MET A 3 10.23 -1.60 22.78
N GLY A 4 10.98 -0.60 23.24
CA GLY A 4 12.42 -0.70 23.30
C GLY A 4 12.94 -1.78 24.23
N SER A 5 12.16 -2.17 25.24
CA SER A 5 12.62 -3.20 26.16
C SER A 5 12.26 -4.61 25.72
N MET A 6 11.51 -4.80 24.63
CA MET A 6 11.14 -6.14 24.22
C MET A 6 12.08 -6.65 23.14
N GLU A 7 12.46 -7.92 23.24
CA GLU A 7 13.32 -8.55 22.24
C GLU A 7 12.71 -8.48 20.83
N ARG A 8 13.57 -8.30 19.82
CA ARG A 8 13.12 -8.33 18.42
C ARG A 8 12.30 -9.58 18.13
N ALA A 9 12.79 -10.76 18.51
CA ALA A 9 12.11 -11.99 18.12
C ALA A 9 10.74 -12.08 18.81
N SER A 10 10.64 -11.56 20.04
CA SER A 10 9.34 -11.53 20.74
C SER A 10 8.35 -10.56 20.10
N LEU A 11 8.82 -9.42 19.61
CA LEU A 11 7.94 -8.51 18.86
C LEU A 11 7.40 -9.18 17.60
N ILE A 12 8.27 -9.90 16.87
N ILE A 12 8.24 -9.92 16.88
CA ILE A 12 7.83 -10.59 15.65
CA ILE A 12 7.76 -10.56 15.67
C ILE A 12 6.80 -11.67 16.00
C ILE A 12 6.79 -11.69 16.01
N GLN A 13 7.09 -12.47 17.05
CA GLN A 13 6.14 -13.50 17.49
C GLN A 13 4.79 -12.90 17.87
N LYS A 14 4.82 -11.79 18.62
CA LYS A 14 3.57 -11.13 19.04
C LYS A 14 2.84 -10.50 17.88
N ALA A 15 3.54 -10.01 16.85
CA ALA A 15 2.84 -9.50 15.67
C ALA A 15 2.08 -10.64 14.99
N LYS A 16 2.66 -11.85 14.92
CA LYS A 16 1.94 -12.97 14.31
C LYS A 16 0.71 -13.36 15.12
N LEU A 17 0.85 -13.33 16.45
CA LEU A 17 -0.31 -13.61 17.31
C LEU A 17 -1.39 -12.54 17.15
N ALA A 18 -0.98 -11.27 17.09
CA ALA A 18 -1.95 -10.19 16.91
C ALA A 18 -2.71 -10.34 15.59
N GLU A 19 -2.02 -10.73 14.51
CA GLU A 19 -2.75 -10.96 13.26
C GLU A 19 -3.80 -12.07 13.43
N GLN A 20 -3.44 -13.17 14.09
CA GLN A 20 -4.39 -14.28 14.28
C GLN A 20 -5.58 -13.82 15.11
N ALA A 21 -5.37 -12.90 16.05
CA ALA A 21 -6.41 -12.35 16.92
C ALA A 21 -7.13 -11.16 16.30
N GLU A 22 -6.76 -10.76 15.08
CA GLU A 22 -7.34 -9.59 14.40
C GLU A 22 -7.19 -8.29 15.21
N ARG A 23 -6.04 -8.16 15.86
CA ARG A 23 -5.67 -6.98 16.65
C ARG A 23 -4.62 -6.22 15.86
N TYR A 24 -5.08 -5.50 14.84
CA TYR A 24 -4.13 -4.91 13.88
C TYR A 24 -3.41 -3.70 14.41
N GLU A 25 -4.05 -2.91 15.28
N GLU A 25 -4.05 -2.91 15.28
CA GLU A 25 -3.32 -1.83 15.93
CA GLU A 25 -3.32 -1.83 15.93
C GLU A 25 -2.15 -2.36 16.77
C GLU A 25 -2.15 -2.36 16.77
N ASP A 26 -2.39 -3.43 17.55
CA ASP A 26 -1.30 -4.06 18.28
C ASP A 26 -0.24 -4.58 17.31
N MET A 27 -0.68 -5.23 16.24
CA MET A 27 0.24 -5.78 15.27
C MET A 27 1.16 -4.72 14.70
N ALA A 28 0.60 -3.55 14.37
CA ALA A 28 1.41 -2.47 13.83
C ALA A 28 2.38 -1.91 14.86
N ALA A 29 1.94 -1.82 16.14
CA ALA A 29 2.86 -1.34 17.17
C ALA A 29 4.03 -2.32 17.40
N PHE A 30 3.76 -3.63 17.37
CA PHE A 30 4.83 -4.62 17.49
C PHE A 30 5.80 -4.51 16.31
N MET A 31 5.27 -4.39 15.07
CA MET A 31 6.18 -4.29 13.92
C MET A 31 6.94 -2.97 13.88
N LYS A 32 6.35 -1.84 14.34
CA LYS A 32 7.12 -0.61 14.49
C LYS A 32 8.28 -0.82 15.44
N GLY A 33 8.02 -1.45 16.59
CA GLY A 33 9.11 -1.76 17.51
C GLY A 33 10.17 -2.64 16.87
N ALA A 34 9.76 -3.65 16.08
CA ALA A 34 10.77 -4.50 15.42
C ALA A 34 11.61 -3.70 14.41
N VAL A 35 10.98 -2.84 13.61
CA VAL A 35 11.74 -2.02 12.67
C VAL A 35 12.74 -1.16 13.42
N GLU A 36 12.31 -0.56 14.54
CA GLU A 36 13.17 0.34 15.30
C GLU A 36 14.33 -0.36 15.99
N LYS A 37 14.40 -1.68 15.97
CA LYS A 37 15.61 -2.35 16.40
C LYS A 37 16.78 -2.07 15.49
N GLY A 38 16.52 -1.65 14.25
CA GLY A 38 17.58 -1.21 13.37
C GLY A 38 18.09 -2.22 12.38
N GLU A 39 17.71 -3.49 12.52
CA GLU A 39 18.10 -4.54 11.57
C GLU A 39 17.17 -4.53 10.36
N GLU A 40 17.68 -4.99 9.23
CA GLU A 40 16.83 -5.19 8.04
C GLU A 40 15.76 -6.25 8.34
N LEU A 41 14.67 -6.24 7.54
CA LEU A 41 13.55 -7.16 7.70
C LEU A 41 13.66 -8.25 6.63
N SER A 42 13.33 -9.46 7.01
CA SER A 42 13.20 -10.55 6.06
C SER A 42 11.91 -10.40 5.22
N CSO A 43 11.71 -11.27 4.22
CA CSO A 43 10.54 -11.19 3.42
CB CSO A 43 10.64 -12.32 2.38
SG CSO A 43 9.23 -12.46 1.30
C CSO A 43 9.27 -11.35 4.28
O CSO A 43 8.31 -10.58 4.17
OD CSO A 43 7.99 -13.49 2.08
N GLU A 44 9.25 -12.35 5.15
CA GLU A 44 8.08 -12.57 6.01
C GLU A 44 7.81 -11.38 6.94
N GLU A 45 8.89 -10.81 7.47
CA GLU A 45 8.75 -9.67 8.38
C GLU A 45 8.23 -8.43 7.62
N ARG A 46 8.68 -8.24 6.37
CA ARG A 46 8.16 -7.13 5.57
C ARG A 46 6.67 -7.27 5.36
N ASN A 47 6.20 -8.48 5.09
CA ASN A 47 4.77 -8.72 4.95
C ASN A 47 4.03 -8.45 6.26
N LEU A 48 4.59 -8.82 7.41
CA LEU A 48 3.91 -8.49 8.67
C LEU A 48 3.75 -6.98 8.83
N LEU A 49 4.80 -6.22 8.56
CA LEU A 49 4.74 -4.76 8.66
C LEU A 49 3.65 -4.21 7.74
N SER A 50 3.63 -4.65 6.46
CA SER A 50 2.68 -4.11 5.52
C SER A 50 1.26 -4.51 5.86
N VAL A 51 1.01 -5.77 6.23
CA VAL A 51 -0.34 -6.21 6.58
C VAL A 51 -0.88 -5.39 7.75
N ALA A 52 -0.05 -5.17 8.77
CA ALA A 52 -0.51 -4.48 9.98
C ALA A 52 -0.96 -3.07 9.64
N TYR A 53 -0.10 -2.29 8.98
CA TYR A 53 -0.47 -0.90 8.69
C TYR A 53 -1.54 -0.81 7.62
N LYS A 54 -1.60 -1.75 6.67
CA LYS A 54 -2.62 -1.64 5.63
C LYS A 54 -3.98 -1.83 6.26
N ASN A 55 -4.09 -2.72 7.24
CA ASN A 55 -5.35 -2.95 7.92
C ASN A 55 -5.72 -1.76 8.81
N VAL A 56 -4.75 -1.15 9.53
CA VAL A 56 -5.09 0.00 10.38
C VAL A 56 -5.56 1.14 9.52
N VAL A 57 -4.80 1.49 8.48
N VAL A 57 -4.78 1.52 8.51
CA VAL A 57 -5.19 2.64 7.70
CA VAL A 57 -5.18 2.65 7.68
C VAL A 57 -6.40 2.31 6.86
C VAL A 57 -6.41 2.31 6.86
N GLY A 58 -6.60 1.05 6.47
CA GLY A 58 -7.81 0.70 5.72
C GLY A 58 -9.08 0.95 6.52
N GLY A 59 -9.05 0.65 7.82
CA GLY A 59 -10.21 0.95 8.67
C GLY A 59 -10.40 2.45 8.81
N GLN A 60 -9.31 3.21 8.95
CA GLN A 60 -9.43 4.67 9.03
C GLN A 60 -10.00 5.25 7.75
N ARG A 61 -9.53 4.77 6.59
CA ARG A 61 -10.03 5.26 5.31
C ARG A 61 -11.53 4.97 5.17
N ALA A 62 -11.96 3.77 5.55
CA ALA A 62 -13.37 3.44 5.43
C ALA A 62 -14.19 4.37 6.32
N ALA A 63 -13.72 4.66 7.53
CA ALA A 63 -14.45 5.59 8.41
C ALA A 63 -14.46 7.00 7.84
N TRP A 64 -13.32 7.48 7.32
CA TRP A 64 -13.25 8.81 6.75
C TRP A 64 -14.23 8.93 5.59
N ARG A 65 -14.38 7.87 4.78
CA ARG A 65 -15.29 7.95 3.63
C ARG A 65 -16.73 8.02 4.09
N VAL A 66 -17.10 7.28 5.14
CA VAL A 66 -18.45 7.38 5.71
C VAL A 66 -18.72 8.81 6.18
N LEU A 67 -17.80 9.37 6.95
CA LEU A 67 -17.98 10.71 7.52
C LEU A 67 -17.97 11.78 6.44
N SER A 68 -17.10 11.63 5.43
N SER A 68 -17.09 11.67 5.44
CA SER A 68 -17.03 12.61 4.34
CA SER A 68 -17.08 12.66 4.36
C SER A 68 -18.32 12.63 3.54
C SER A 68 -18.38 12.64 3.58
N SER A 69 -18.94 11.47 3.36
CA SER A 69 -20.22 11.40 2.65
C SER A 69 -21.32 12.09 3.44
N ILE A 70 -21.36 11.85 4.75
CA ILE A 70 -22.35 12.52 5.58
C ILE A 70 -22.14 14.03 5.53
N GLU A 71 -20.89 14.47 5.59
CA GLU A 71 -20.57 15.89 5.60
C GLU A 71 -20.98 16.56 4.29
N GLN A 72 -20.73 15.89 3.15
CA GLN A 72 -21.12 16.43 1.85
C GLN A 72 -22.63 16.51 1.72
N LYS A 73 -23.35 15.51 2.20
CA LYS A 73 -24.81 15.56 2.17
C LYS A 73 -25.34 16.72 3.00
N SER A 74 -24.76 16.95 4.18
CA SER A 74 -25.18 18.08 5.01
C SER A 74 -24.82 19.42 4.40
N ASN A 75 -23.92 19.44 3.41
CA ASN A 75 -23.56 20.66 2.70
C ASN A 75 -24.23 20.74 1.33
N GLU A 76 -25.48 20.28 1.22
CA GLU A 76 -26.21 20.31 -0.04
C GLU A 76 -27.46 21.19 0.07
N GLY A 83 -24.73 21.67 12.66
CA GLY A 83 -23.64 22.24 13.44
C GLY A 83 -22.27 21.77 12.98
N PRO A 84 -21.24 22.08 13.76
CA PRO A 84 -19.87 21.72 13.36
C PRO A 84 -19.48 20.25 13.61
N GLU A 85 -20.36 19.41 14.16
CA GLU A 85 -19.91 18.12 14.70
C GLU A 85 -19.42 17.17 13.62
N VAL A 86 -20.11 17.10 12.47
CA VAL A 86 -19.70 16.12 11.45
C VAL A 86 -18.34 16.50 10.90
N ARG A 87 -18.14 17.80 10.60
CA ARG A 87 -16.84 18.26 10.15
C ARG A 87 -15.77 18.02 11.21
N GLU A 88 -16.07 18.33 12.49
CA GLU A 88 -15.08 18.14 13.54
C GLU A 88 -14.67 16.67 13.64
N TYR A 89 -15.64 15.77 13.55
CA TYR A 89 -15.29 14.36 13.73
C TYR A 89 -14.59 13.81 12.49
N ARG A 90 -15.00 14.24 11.29
CA ARG A 90 -14.26 13.88 10.08
C ARG A 90 -12.81 14.36 10.18
N GLU A 91 -12.58 15.58 10.69
CA GLU A 91 -11.23 16.10 10.87
C GLU A 91 -10.45 15.29 11.88
N LYS A 92 -11.10 14.82 12.95
CA LYS A 92 -10.39 14.03 13.94
C LYS A 92 -9.91 12.72 13.31
N VAL A 93 -10.80 12.03 12.60
CA VAL A 93 -10.42 10.78 11.93
C VAL A 93 -9.34 11.05 10.89
N GLU A 94 -9.46 12.14 10.15
CA GLU A 94 -8.46 12.51 9.15
C GLU A 94 -7.10 12.75 9.76
N THR A 95 -7.04 13.43 10.91
CA THR A 95 -5.75 13.70 11.54
C THR A 95 -5.11 12.39 12.02
N GLU A 96 -5.92 11.47 12.54
N GLU A 96 -5.93 11.48 12.53
CA GLU A 96 -5.39 10.19 13.00
CA GLU A 96 -5.40 10.20 13.00
C GLU A 96 -4.85 9.37 11.84
C GLU A 96 -4.86 9.37 11.83
N LEU A 97 -5.59 9.36 10.72
CA LEU A 97 -5.12 8.69 9.50
C LEU A 97 -3.79 9.30 9.03
N GLN A 98 -3.70 10.62 8.95
CA GLN A 98 -2.48 11.27 8.53
C GLN A 98 -1.33 10.88 9.45
N GLY A 99 -1.59 10.78 10.76
CA GLY A 99 -0.53 10.44 11.68
C GLY A 99 0.00 9.04 11.47
N VAL A 100 -0.89 8.08 11.15
CA VAL A 100 -0.42 6.72 10.87
C VAL A 100 0.37 6.70 9.56
N CYS A 101 -0.10 7.41 8.52
CA CYS A 101 0.67 7.46 7.28
C CYS A 101 2.04 8.08 7.52
N ASP A 102 2.12 9.17 8.30
CA ASP A 102 3.41 9.78 8.61
C ASP A 102 4.31 8.83 9.37
N THR A 103 3.74 8.01 10.26
CA THR A 103 4.55 7.03 11.00
C THR A 103 5.17 6.00 10.04
N VAL A 104 4.36 5.46 9.13
CA VAL A 104 4.88 4.46 8.19
C VAL A 104 5.93 5.09 7.30
N LEU A 105 5.65 6.29 6.75
CA LEU A 105 6.62 6.97 5.91
C LEU A 105 7.92 7.21 6.68
N GLY A 106 7.81 7.55 7.96
CA GLY A 106 9.02 7.74 8.76
C GLY A 106 9.83 6.49 8.94
N LEU A 107 9.18 5.34 9.10
CA LEU A 107 9.92 4.08 9.19
C LEU A 107 10.63 3.80 7.88
N LEU A 108 9.95 4.05 6.77
CA LEU A 108 10.58 3.84 5.47
C LEU A 108 11.78 4.74 5.27
N ASP A 109 11.69 5.98 5.72
CA ASP A 109 12.79 6.93 5.55
C ASP A 109 13.89 6.75 6.61
N SER A 110 13.61 6.09 7.71
CA SER A 110 14.57 5.96 8.83
C SER A 110 14.47 4.56 9.42
N HIS A 111 15.08 3.55 8.75
CA HIS A 111 15.98 3.69 7.60
C HIS A 111 15.80 2.55 6.62
N LEU A 112 14.55 2.09 6.45
CA LEU A 112 14.32 0.86 5.69
C LEU A 112 14.74 0.97 4.22
N ILE A 113 14.37 2.05 3.54
CA ILE A 113 14.66 2.16 2.11
C ILE A 113 16.17 2.24 1.89
N LYS A 114 16.87 3.09 2.65
CA LYS A 114 18.28 3.32 2.34
C LYS A 114 19.10 2.05 2.57
N GLU A 115 18.67 1.15 3.46
CA GLU A 115 19.41 -0.07 3.68
C GLU A 115 18.98 -1.21 2.76
N ALA A 116 17.94 -1.01 1.94
CA ALA A 116 17.40 -2.11 1.11
C ALA A 116 18.12 -2.14 -0.24
N GLY A 117 18.95 -3.14 -0.45
CA GLY A 117 19.72 -3.24 -1.70
C GLY A 117 19.22 -4.30 -2.66
N ASP A 118 18.60 -5.35 -2.13
CA ASP A 118 18.08 -6.32 -3.06
C ASP A 118 16.82 -5.78 -3.71
N ALA A 119 16.60 -6.15 -4.96
CA ALA A 119 15.44 -5.62 -5.68
C ALA A 119 14.12 -5.93 -4.96
N GLU A 120 13.98 -7.13 -4.39
CA GLU A 120 12.71 -7.50 -3.77
C GLU A 120 12.42 -6.60 -2.58
N SER A 121 13.43 -6.28 -1.78
CA SER A 121 13.16 -5.42 -0.64
C SER A 121 12.96 -3.98 -1.06
N ARG A 122 13.78 -3.46 -1.97
CA ARG A 122 13.69 -2.06 -2.33
C ARG A 122 12.38 -1.76 -3.04
N VAL A 123 11.97 -2.62 -3.97
CA VAL A 123 10.66 -2.45 -4.63
C VAL A 123 9.53 -2.51 -3.61
N PHE A 124 9.58 -3.49 -2.67
CA PHE A 124 8.52 -3.59 -1.67
C PHE A 124 8.37 -2.29 -0.89
N TYR A 125 9.49 -1.72 -0.41
CA TYR A 125 9.40 -0.51 0.41
C TYR A 125 8.98 0.70 -0.41
N LEU A 126 9.43 0.80 -1.67
CA LEU A 126 9.03 1.95 -2.48
C LEU A 126 7.54 1.87 -2.86
N LYS A 127 7.02 0.65 -3.09
CA LYS A 127 5.58 0.48 -3.27
C LYS A 127 4.84 0.94 -2.02
N MET A 128 5.29 0.54 -0.81
CA MET A 128 4.69 1.08 0.41
C MET A 128 4.72 2.59 0.46
N LYS A 129 5.86 3.18 0.12
CA LYS A 129 5.95 4.64 0.14
C LYS A 129 4.91 5.26 -0.79
N GLY A 130 4.78 4.72 -2.01
CA GLY A 130 3.74 5.22 -2.92
C GLY A 130 2.34 5.07 -2.34
N ASP A 131 2.07 3.94 -1.70
CA ASP A 131 0.74 3.69 -1.12
C ASP A 131 0.41 4.69 -0.01
N TYR A 132 1.37 4.95 0.90
CA TYR A 132 1.03 5.84 2.02
C TYR A 132 0.93 7.29 1.58
N TYR A 133 1.73 7.73 0.60
CA TYR A 133 1.46 9.04 0.01
C TYR A 133 0.11 9.05 -0.72
N ARG A 134 -0.28 7.95 -1.37
CA ARG A 134 -1.59 7.90 -2.00
C ARG A 134 -2.71 8.05 -0.96
N TYR A 135 -2.58 7.39 0.21
CA TYR A 135 -3.61 7.58 1.24
C TYR A 135 -3.62 9.02 1.76
N LEU A 136 -2.45 9.65 1.90
CA LEU A 136 -2.45 11.08 2.24
C LEU A 136 -3.15 11.90 1.15
N ALA A 137 -2.94 11.54 -0.13
CA ALA A 137 -3.53 12.33 -1.22
C ALA A 137 -5.04 12.21 -1.21
N GLU A 138 -5.59 11.07 -0.79
CA GLU A 138 -7.04 10.89 -0.80
C GLU A 138 -7.74 11.93 0.07
N VAL A 139 -7.09 12.41 1.14
CA VAL A 139 -7.68 13.36 2.08
C VAL A 139 -7.13 14.76 1.92
N ALA A 140 -6.20 14.99 1.01
CA ALA A 140 -5.56 16.29 0.86
C ALA A 140 -6.39 17.20 -0.03
N THR A 141 -6.22 18.51 0.17
CA THR A 141 -6.89 19.49 -0.68
C THR A 141 -5.87 20.48 -1.26
N GLY A 142 -6.11 20.92 -2.50
CA GLY A 142 -5.41 22.12 -3.00
C GLY A 142 -3.98 21.86 -3.45
N ASP A 143 -3.10 22.84 -3.16
CA ASP A 143 -1.70 22.74 -3.56
C ASP A 143 -0.97 21.67 -2.74
N ASP A 144 -1.29 21.56 -1.46
CA ASP A 144 -0.69 20.47 -0.72
C ASP A 144 -0.99 19.13 -1.39
N LYS A 145 -2.19 19.00 -1.96
CA LYS A 145 -2.49 17.81 -2.73
C LYS A 145 -1.44 17.61 -3.83
N LYS A 146 -1.03 18.68 -4.52
CA LYS A 146 -0.12 18.51 -5.66
C LYS A 146 1.20 17.88 -5.24
N ARG A 147 1.84 18.38 -4.18
CA ARG A 147 3.14 17.87 -3.80
C ARG A 147 3.01 16.44 -3.25
N ILE A 148 1.92 16.15 -2.55
CA ILE A 148 1.70 14.79 -2.03
C ILE A 148 1.50 13.82 -3.18
N ILE A 149 0.71 14.22 -4.20
CA ILE A 149 0.49 13.39 -5.37
C ILE A 149 1.82 13.12 -6.07
N ASP A 150 2.67 14.14 -6.20
CA ASP A 150 3.94 13.91 -6.86
C ASP A 150 4.86 12.99 -6.06
N SER A 151 4.81 13.07 -4.73
CA SER A 151 5.61 12.16 -3.94
C SER A 151 5.16 10.72 -4.13
N ALA A 152 3.84 10.49 -4.22
CA ALA A 152 3.37 9.11 -4.50
C ALA A 152 3.86 8.66 -5.87
N ARG A 153 3.68 9.52 -6.88
N ARG A 153 3.70 9.53 -6.87
CA ARG A 153 4.09 9.16 -8.23
CA ARG A 153 4.07 9.16 -8.23
C ARG A 153 5.57 8.81 -8.31
C ARG A 153 5.56 8.82 -8.32
N SER A 154 6.41 9.62 -7.67
CA SER A 154 7.86 9.43 -7.75
C SER A 154 8.27 8.10 -7.09
N ALA A 155 7.66 7.76 -5.96
CA ALA A 155 7.96 6.48 -5.30
C ALA A 155 7.54 5.29 -6.16
N TYR A 156 6.31 5.34 -6.68
CA TYR A 156 5.83 4.26 -7.55
C TYR A 156 6.69 4.15 -8.80
N GLN A 157 7.13 5.28 -9.36
CA GLN A 157 7.90 5.24 -10.60
C GLN A 157 9.27 4.63 -10.36
N GLU A 158 9.94 4.97 -9.25
CA GLU A 158 11.23 4.34 -8.98
C GLU A 158 11.06 2.85 -8.77
N ALA A 159 10.02 2.44 -8.05
CA ALA A 159 9.74 1.00 -7.85
C ALA A 159 9.49 0.33 -9.20
N MET A 160 8.75 0.99 -10.10
CA MET A 160 8.47 0.39 -11.39
C MET A 160 9.75 0.22 -12.20
N ASP A 161 10.62 1.22 -12.16
CA ASP A 161 11.85 1.14 -12.96
C ASP A 161 12.71 -0.03 -12.48
N ILE A 162 12.85 -0.20 -11.16
CA ILE A 162 13.62 -1.33 -10.64
C ILE A 162 12.95 -2.64 -10.97
N SER A 163 11.62 -2.73 -10.82
CA SER A 163 10.93 -4.01 -11.03
C SER A 163 11.06 -4.48 -12.47
N LYS A 164 11.00 -3.54 -13.42
CA LYS A 164 11.09 -3.90 -14.82
C LYS A 164 12.49 -4.39 -15.18
N LYS A 165 13.52 -3.88 -14.53
CA LYS A 165 14.89 -4.32 -14.80
C LYS A 165 15.26 -5.62 -14.07
N GLU A 166 14.72 -5.86 -12.86
CA GLU A 166 15.23 -6.90 -11.98
C GLU A 166 14.27 -8.04 -11.69
N MET A 167 13.00 -7.96 -12.06
CA MET A 167 12.05 -9.01 -11.71
C MET A 167 11.31 -9.49 -12.95
N PRO A 168 10.89 -10.76 -12.97
CA PRO A 168 10.09 -11.25 -14.11
C PRO A 168 8.71 -10.64 -14.05
N PRO A 169 8.01 -10.63 -15.18
CA PRO A 169 6.70 -9.96 -15.22
C PRO A 169 5.63 -10.65 -14.43
N THR A 170 5.85 -11.89 -13.93
CA THR A 170 4.90 -12.54 -13.05
C THR A 170 5.22 -12.36 -11.58
N ASN A 171 6.31 -11.72 -11.22
CA ASN A 171 6.67 -11.61 -9.80
C ASN A 171 5.52 -10.95 -9.04
N PRO A 172 5.04 -11.53 -7.94
CA PRO A 172 3.87 -10.96 -7.27
C PRO A 172 4.07 -9.54 -6.76
N ILE A 173 5.27 -9.18 -6.31
CA ILE A 173 5.51 -7.79 -5.89
C ILE A 173 5.44 -6.85 -7.08
N ARG A 174 6.04 -7.24 -8.20
CA ARG A 174 5.93 -6.43 -9.42
C ARG A 174 4.47 -6.27 -9.85
N LEU A 175 3.69 -7.34 -9.77
CA LEU A 175 2.28 -7.27 -10.15
C LEU A 175 1.47 -6.40 -9.21
N GLY A 176 1.67 -6.55 -7.88
CA GLY A 176 0.92 -5.74 -6.93
C GLY A 176 1.29 -4.27 -7.04
N LEU A 177 2.58 -3.99 -7.30
CA LEU A 177 2.99 -2.59 -7.54
C LEU A 177 2.27 -2.01 -8.74
N ALA A 178 2.23 -2.76 -9.85
CA ALA A 178 1.55 -2.25 -11.04
C ALA A 178 0.06 -2.06 -10.80
N LEU A 179 -0.55 -3.00 -10.07
CA LEU A 179 -1.95 -2.86 -9.71
C LEU A 179 -2.18 -1.55 -8.94
N ASN A 180 -1.38 -1.32 -7.89
CA ASN A 180 -1.62 -0.14 -7.05
C ASN A 180 -1.27 1.16 -7.79
N PHE A 181 -0.22 1.16 -8.65
CA PHE A 181 0.10 2.34 -9.44
C PHE A 181 -1.03 2.64 -10.42
N SER A 182 -1.65 1.59 -10.99
CA SER A 182 -2.82 1.82 -11.86
C SER A 182 -3.97 2.44 -11.11
N VAL A 183 -4.22 2.01 -9.87
CA VAL A 183 -5.25 2.64 -9.03
C VAL A 183 -4.90 4.11 -8.76
N PHE A 184 -3.63 4.39 -8.44
CA PHE A 184 -3.16 5.77 -8.31
C PHE A 184 -3.53 6.58 -9.57
N HIS A 185 -3.22 6.06 -10.77
CA HIS A 185 -3.51 6.85 -11.97
C HIS A 185 -5.00 7.09 -12.11
N TYR A 186 -5.84 6.08 -11.84
CA TYR A 186 -7.28 6.21 -12.04
C TYR A 186 -7.91 7.13 -10.99
N GLU A 187 -7.55 6.92 -9.71
CA GLU A 187 -8.31 7.53 -8.61
C GLU A 187 -7.71 8.82 -8.13
N ILE A 188 -6.41 9.02 -8.27
CA ILE A 188 -5.71 10.17 -7.70
C ILE A 188 -5.28 11.13 -8.78
N ALA A 189 -4.61 10.62 -9.83
CA ALA A 189 -3.97 11.46 -10.83
C ALA A 189 -4.90 11.85 -11.97
N ASN A 190 -6.16 11.43 -11.95
CA ASN A 190 -7.10 11.76 -13.01
C ASN A 190 -6.56 11.35 -14.39
N SER A 191 -5.96 10.16 -14.45
CA SER A 191 -5.36 9.64 -15.68
C SER A 191 -5.93 8.26 -15.96
N PRO A 192 -7.24 8.14 -16.20
CA PRO A 192 -7.82 6.80 -16.42
C PRO A 192 -7.21 6.06 -17.62
N GLU A 193 -6.82 6.76 -18.68
CA GLU A 193 -6.21 6.06 -19.82
C GLU A 193 -4.86 5.45 -19.45
N GLU A 194 -4.06 6.14 -18.63
CA GLU A 194 -2.80 5.60 -18.16
C GLU A 194 -3.02 4.41 -17.25
N ALA A 195 -4.07 4.47 -16.42
CA ALA A 195 -4.44 3.34 -15.54
C ALA A 195 -4.79 2.10 -16.34
N ILE A 196 -5.64 2.28 -17.35
CA ILE A 196 -6.07 1.16 -18.20
C ILE A 196 -4.88 0.60 -18.98
N SER A 197 -4.03 1.47 -19.56
N SER A 197 -4.05 1.47 -19.57
CA SER A 197 -2.88 0.98 -20.32
CA SER A 197 -2.89 0.98 -20.32
C SER A 197 -1.93 0.19 -19.42
C SER A 197 -1.93 0.20 -19.42
N LEU A 198 -1.66 0.70 -18.22
CA LEU A 198 -0.73 -0.01 -17.34
C LEU A 198 -1.32 -1.35 -16.92
N ALA A 199 -2.59 -1.39 -16.56
CA ALA A 199 -3.18 -2.67 -16.15
C ALA A 199 -3.17 -3.69 -17.29
N LYS A 200 -3.54 -3.26 -18.50
N LYS A 200 -3.45 -3.24 -18.52
CA LYS A 200 -3.57 -4.18 -19.65
CA LYS A 200 -3.49 -4.14 -19.68
C LYS A 200 -2.18 -4.70 -20.00
C LYS A 200 -2.11 -4.71 -20.00
N THR A 201 -1.19 -3.81 -20.08
N THR A 201 -1.12 -3.83 -20.17
CA THR A 201 0.16 -4.24 -20.43
CA THR A 201 0.22 -4.33 -20.46
C THR A 201 0.72 -5.18 -19.36
C THR A 201 0.76 -5.22 -19.34
N THR A 202 0.50 -4.87 -18.09
CA THR A 202 0.94 -5.73 -16.99
C THR A 202 0.30 -7.10 -17.09
N PHE A 203 -1.02 -7.14 -17.32
CA PHE A 203 -1.71 -8.43 -17.41
C PHE A 203 -1.16 -9.25 -18.56
N ASP A 204 -0.96 -8.62 -19.72
CA ASP A 204 -0.60 -9.37 -20.92
C ASP A 204 0.84 -9.89 -20.82
N GLU A 205 1.73 -9.11 -20.24
CA GLU A 205 3.10 -9.56 -20.09
C GLU A 205 3.21 -10.64 -19.03
N ALA A 206 2.37 -10.61 -18.00
CA ALA A 206 2.35 -11.70 -17.04
C ALA A 206 1.81 -12.97 -17.68
N MET A 207 0.71 -12.87 -18.42
CA MET A 207 0.16 -14.05 -19.10
C MET A 207 1.21 -14.79 -19.90
N ALA A 208 2.03 -14.05 -20.64
CA ALA A 208 3.04 -14.65 -21.50
C ALA A 208 4.20 -15.28 -20.76
N ASP A 209 4.32 -15.05 -19.44
CA ASP A 209 5.40 -15.61 -18.64
C ASP A 209 4.88 -16.71 -17.69
N LEU A 210 3.56 -17.00 -17.65
CA LEU A 210 3.03 -18.02 -16.75
C LEU A 210 3.63 -19.41 -17.02
N HIS A 211 3.98 -19.70 -18.26
CA HIS A 211 4.50 -21.04 -18.61
C HIS A 211 5.76 -21.40 -17.84
N THR A 212 6.45 -20.41 -17.27
CA THR A 212 7.71 -20.64 -16.57
C THR A 212 7.53 -21.05 -15.12
N LEU A 213 6.32 -20.99 -14.59
CA LEU A 213 6.04 -21.04 -13.17
C LEU A 213 5.63 -22.43 -12.72
N SER A 214 5.95 -22.75 -11.46
CA SER A 214 5.40 -23.91 -10.78
C SER A 214 3.94 -23.68 -10.44
N GLU A 215 3.29 -24.72 -9.95
CA GLU A 215 1.87 -24.64 -9.64
C GLU A 215 1.59 -23.58 -8.57
N ASP A 216 2.43 -23.53 -7.51
CA ASP A 216 2.19 -22.58 -6.43
C ASP A 216 2.46 -21.14 -6.86
N SER A 217 3.53 -20.90 -7.62
CA SER A 217 3.78 -19.55 -8.13
C SER A 217 2.71 -19.14 -9.12
N TYR A 218 2.26 -20.08 -9.96
CA TYR A 218 1.16 -19.81 -10.88
C TYR A 218 -0.06 -19.31 -10.13
N LYS A 219 -0.38 -19.94 -8.99
CA LYS A 219 -1.55 -19.52 -8.24
C LYS A 219 -1.38 -18.10 -7.72
N ASP A 220 -0.21 -17.77 -7.17
CA ASP A 220 0.02 -16.43 -6.66
C ASP A 220 -0.11 -15.39 -7.79
N SER A 221 0.54 -15.65 -8.94
CA SER A 221 0.51 -14.66 -10.02
C SER A 221 -0.89 -14.51 -10.62
N THR A 222 -1.59 -15.63 -10.86
CA THR A 222 -2.93 -15.54 -11.45
C THR A 222 -3.91 -14.85 -10.52
N LEU A 223 -3.73 -14.99 -9.19
CA LEU A 223 -4.64 -14.28 -8.28
C LEU A 223 -4.56 -12.76 -8.47
N ILE A 224 -3.33 -12.23 -8.59
CA ILE A 224 -3.18 -10.77 -8.74
C ILE A 224 -3.59 -10.34 -10.14
N MET A 225 -3.34 -11.20 -11.15
CA MET A 225 -3.79 -10.87 -12.51
C MET A 225 -5.30 -10.75 -12.53
N GLN A 226 -6.01 -11.54 -11.73
CA GLN A 226 -7.46 -11.41 -11.71
C GLN A 226 -7.88 -10.06 -11.11
N LEU A 227 -7.14 -9.57 -10.12
CA LEU A 227 -7.42 -8.22 -9.60
C LEU A 227 -7.22 -7.15 -10.67
N LEU A 228 -6.16 -7.26 -11.50
CA LEU A 228 -6.00 -6.34 -12.62
C LEU A 228 -7.19 -6.43 -13.58
N ARG A 229 -7.62 -7.66 -13.88
CA ARG A 229 -8.76 -7.85 -14.79
C ARG A 229 -10.03 -7.27 -14.17
N ASP A 230 -10.24 -7.45 -12.87
CA ASP A 230 -11.44 -6.89 -12.22
C ASP A 230 -11.48 -5.38 -12.37
N ASN A 231 -10.33 -4.70 -12.21
CA ASN A 231 -10.30 -3.26 -12.41
C ASN A 231 -10.57 -2.90 -13.85
N LEU A 232 -9.94 -3.62 -14.80
CA LEU A 232 -10.18 -3.34 -16.20
C LEU A 232 -11.66 -3.49 -16.54
N THR A 233 -12.33 -4.48 -15.95
CA THR A 233 -13.77 -4.64 -16.18
C THR A 233 -14.57 -3.46 -15.64
N LEU A 234 -14.18 -2.94 -14.48
CA LEU A 234 -14.89 -1.80 -13.94
C LEU A 234 -14.60 -0.54 -14.74
N TRP A 235 -13.42 -0.44 -15.37
CA TRP A 235 -12.98 0.81 -16.00
C TRP A 235 -13.31 0.90 -17.48
N THR A 236 -13.75 -0.19 -18.10
CA THR A 236 -13.95 -0.21 -19.53
C THR A 236 -15.33 -0.80 -19.88
N ALA B 5 -12.55 0.60 -7.98
CA ALA B 5 -11.20 0.06 -8.27
C ALA B 5 -10.55 -0.46 -7.00
N GLY B 6 -10.00 -1.68 -7.08
CA GLY B 6 -9.35 -2.27 -5.94
C GLY B 6 -7.83 -2.34 -6.00
N SEP B 7 -7.18 -1.94 -4.91
CA SEP B 7 -5.75 -2.15 -4.72
CB SEP B 7 -5.22 -1.05 -3.80
OG SEP B 7 -5.90 -1.20 -2.53
C SEP B 7 -5.47 -3.54 -4.14
O SEP B 7 -6.41 -4.29 -3.82
P SEP B 7 -5.74 0.03 -1.51
O1P SEP B 7 -6.40 1.28 -2.15
O2P SEP B 7 -6.56 -0.50 -0.28
O3P SEP B 7 -4.25 0.19 -1.18
N ILE B 8 -4.20 -3.91 -3.98
CA ILE B 8 -3.89 -5.27 -3.49
C ILE B 8 -4.32 -5.42 -2.02
N PRO B 9 -4.91 -6.55 -1.64
CA PRO B 9 -5.10 -6.84 -0.20
C PRO B 9 -3.78 -7.20 0.50
N GLY B 10 -3.84 -7.18 1.83
CA GLY B 10 -2.69 -7.55 2.63
C GLY B 10 -2.28 -9.01 2.50
N ARG B 11 -3.26 -9.92 2.43
CA ARG B 11 -2.98 -11.36 2.35
C ARG B 11 -3.83 -11.96 1.24
N ARG B 12 -3.39 -13.13 0.77
CA ARG B 12 -4.02 -13.85 -0.34
C ARG B 12 -5.50 -14.15 -0.10
C10 UGQ C . 0.71 -11.49 -0.38
C13 UGQ C . -0.76 -12.17 -2.70
C15 UGQ C . -1.64 -12.78 -3.68
C17 UGQ C . -3.42 -11.26 -3.07
C20 UGQ C . 2.65 -9.22 -3.39
C21 UGQ C . 2.51 -7.85 -3.58
C02 UGQ C . 2.55 -5.45 -2.58
C03 UGQ C . 2.67 -6.98 -2.46
C04 UGQ C . 2.97 -7.45 -1.20
C05 UGQ C . 3.11 -8.81 -1.02
C06 UGQ C . 2.93 -9.67 -2.11
C11 UGQ C . -0.37 -10.47 -0.88
C12 UGQ C . -1.24 -11.15 -1.96
C14 UGQ C . 0.66 -12.69 -2.53
C16 UGQ C . -2.93 -12.31 -3.86
C18 UGQ C . -2.59 -10.68 -2.12
N09 UGQ C . 1.49 -11.99 -1.53
O08 UGQ C . 3.84 -12.09 -2.85
O19 UGQ C . 3.97 -11.62 -0.62
S07 UGQ C . 3.11 -11.44 -1.76
CL CL D . 21.10 -4.07 2.85
CA CA E . 18.18 -8.48 21.66
C1 GOL F . -8.14 -4.37 16.95
O1 GOL F . -8.00 -3.82 18.24
C2 GOL F . -7.82 -3.25 15.96
O2 GOL F . -6.65 -2.72 16.27
C3 GOL F . -7.79 -3.84 14.53
O3 GOL F . -8.37 -5.05 14.60
#